data_6GWR
#
_entry.id   6GWR
#
_cell.length_a   43.200
_cell.length_b   118.750
_cell.length_c   61.430
_cell.angle_alpha   90.00
_cell.angle_beta   92.05
_cell.angle_gamma   90.00
#
_symmetry.space_group_name_H-M   'P 1 21 1'
#
loop_
_entity.id
_entity.type
_entity.pdbx_description
1 polymer 'Epithelial discoidin domain-containing receptor 1'
2 non-polymer 3-(2-imidazo[1,2-a]pyrazin-3-ylethynyl)-~{N}-[3-[(4-methylpiperazin-1-yl)methyl]-5-(trifluoromethyl)phenyl]-4-propan-2-yl-benzamide
3 non-polymer 'SULFATE ION'
4 non-polymer 1,2-ETHANEDIOL
5 water water
#
_entity_poly.entity_id   1
_entity_poly.type   'polypeptide(L)'
_entity_poly.pdbx_seq_one_letter_code
;SMPRVDFPRSRLRFKEKLGEGQFGEVHLCEVDSPQDLVSLDFPLNVRKGHPLLVAVKILRPDATKNARNDFLKEVKIMSR
LKDPNIIRLLGVCVQDDPLCMITDYMENGDLNQFLSAHQLEDKAAEGAPGDGQAAQGPTISYPMLLHVAAQIASGMRYLA
TLNFVHRDLATRNCLVGENFTIKIADFGMSRNLYAGDYYRVQGRAVLPIRWMAWECILMGKFTTASDVWAFGVTLWEVLM
LCRAQPFGQLTDEQVIENAGEFFRDQGRQVYLSRPPACPQGLYELMLRCWSRESEQRPPFSQLHRFLAEDALNTV
;
_entity_poly.pdbx_strand_id   A,B
#
# COMPACT_ATOMS: atom_id res chain seq x y z
N MET A 2 4.92 -15.44 -39.55
CA MET A 2 6.27 -15.38 -38.99
C MET A 2 7.15 -16.46 -39.61
N PRO A 3 8.38 -16.10 -39.97
CA PRO A 3 9.28 -17.09 -40.58
C PRO A 3 9.72 -18.13 -39.55
N ARG A 4 9.88 -19.36 -40.03
CA ARG A 4 10.26 -20.47 -39.16
C ARG A 4 11.77 -20.66 -39.16
N VAL A 5 12.47 -19.58 -38.81
CA VAL A 5 13.94 -19.56 -38.75
C VAL A 5 14.35 -19.19 -37.34
N ASP A 6 15.08 -20.09 -36.68
CA ASP A 6 15.50 -19.85 -35.31
C ASP A 6 16.51 -18.72 -35.24
N PHE A 7 16.42 -17.94 -34.17
CA PHE A 7 17.51 -17.06 -33.80
C PHE A 7 18.77 -17.89 -33.58
N PRO A 8 19.94 -17.41 -34.01
CA PRO A 8 21.17 -18.20 -33.81
C PRO A 8 21.60 -18.18 -32.35
N ARG A 9 21.58 -19.35 -31.71
CA ARG A 9 22.06 -19.46 -30.34
C ARG A 9 23.49 -18.95 -30.21
N SER A 10 24.31 -19.17 -31.24
CA SER A 10 25.71 -18.78 -31.21
C SER A 10 25.93 -17.27 -31.13
N ARG A 11 24.88 -16.47 -31.34
CA ARG A 11 24.99 -15.03 -31.24
C ARG A 11 24.53 -14.50 -29.89
N LEU A 12 24.26 -15.37 -28.93
CA LEU A 12 23.85 -14.99 -27.58
C LEU A 12 25.03 -15.20 -26.64
N ARG A 13 25.70 -14.11 -26.29
CA ARG A 13 26.76 -14.17 -25.28
C ARG A 13 26.14 -14.00 -23.90
N PHE A 14 26.31 -15.02 -23.06
CA PHE A 14 25.77 -14.98 -21.70
C PHE A 14 26.47 -13.91 -20.88
N LYS A 15 25.68 -13.11 -20.15
CA LYS A 15 26.22 -12.10 -19.26
C LYS A 15 25.83 -12.35 -17.81
N GLU A 16 24.57 -12.65 -17.54
CA GLU A 16 24.11 -12.80 -16.17
C GLU A 16 22.78 -13.57 -16.16
N LYS A 17 22.59 -14.36 -15.11
CA LYS A 17 21.32 -15.04 -14.86
C LYS A 17 20.39 -14.08 -14.12
N LEU A 18 19.30 -13.70 -14.77
CA LEU A 18 18.35 -12.76 -14.19
C LEU A 18 17.34 -13.43 -13.26
N GLY A 19 17.04 -14.70 -13.49
CA GLY A 19 16.10 -15.40 -12.65
C GLY A 19 16.07 -16.88 -12.96
N GLU A 20 15.53 -17.64 -12.02
CA GLU A 20 15.37 -19.08 -12.18
C GLU A 20 13.99 -19.48 -11.69
N GLY A 21 13.41 -20.48 -12.34
CA GLY A 21 12.06 -20.90 -12.00
C GLY A 21 11.82 -22.40 -12.14
N GLN A 22 10.56 -22.79 -12.25
CA GLN A 22 10.20 -24.20 -12.18
C GLN A 22 10.57 -24.90 -13.48
N PHE A 23 10.38 -24.21 -14.61
CA PHE A 23 10.54 -24.82 -15.93
C PHE A 23 11.71 -24.23 -16.74
N GLY A 24 12.62 -23.50 -16.10
CA GLY A 24 13.77 -22.97 -16.82
C GLY A 24 14.29 -21.72 -16.11
N GLU A 25 15.18 -21.02 -16.82
CA GLU A 25 15.89 -19.83 -16.32
C GLU A 25 15.70 -18.66 -17.28
N VAL A 26 16.04 -17.46 -16.80
CA VAL A 26 16.07 -16.24 -17.60
C VAL A 26 17.47 -15.66 -17.54
N HIS A 27 18.05 -15.39 -18.71
CA HIS A 27 19.41 -14.89 -18.80
C HIS A 27 19.42 -13.53 -19.48
N LEU A 28 20.40 -12.71 -19.09
CA LEU A 28 20.73 -11.48 -19.79
C LEU A 28 21.88 -11.77 -20.75
N CYS A 29 21.71 -11.38 -22.01
CA CYS A 29 22.68 -11.69 -23.05
C CYS A 29 22.98 -10.45 -23.89
N GLU A 30 24.13 -10.49 -24.56
CA GLU A 30 24.55 -9.46 -25.50
C GLU A 30 24.54 -10.03 -26.91
N VAL A 31 24.10 -9.23 -27.88
CA VAL A 31 24.16 -9.60 -29.30
C VAL A 31 24.94 -8.52 -30.02
N ASP A 32 26.09 -8.88 -30.57
CA ASP A 32 26.89 -7.93 -31.34
C ASP A 32 26.25 -7.67 -32.70
N SER A 33 26.34 -6.43 -33.15
CA SER A 33 25.89 -5.96 -34.45
C SER A 33 24.61 -6.67 -34.92
N PRO A 34 23.50 -6.51 -34.18
CA PRO A 34 22.30 -7.32 -34.45
C PRO A 34 21.50 -6.89 -35.67
N GLN A 35 21.97 -5.90 -36.43
CA GLN A 35 21.18 -5.37 -37.54
C GLN A 35 20.84 -6.46 -38.56
N ASP A 36 21.67 -7.49 -38.68
CA ASP A 36 21.41 -8.58 -39.61
C ASP A 36 20.40 -9.58 -39.08
N LEU A 37 20.06 -9.54 -37.79
CA LEU A 37 19.14 -10.48 -37.18
C LEU A 37 17.79 -9.88 -36.82
N VAL A 38 17.75 -8.63 -36.36
CA VAL A 38 16.52 -8.00 -35.91
C VAL A 38 16.39 -6.64 -36.57
N SER A 39 15.14 -6.16 -36.65
CA SER A 39 14.81 -4.84 -37.17
C SER A 39 14.23 -4.03 -36.02
N LEU A 40 14.94 -2.98 -35.61
CA LEU A 40 14.54 -2.22 -34.44
C LEU A 40 14.93 -0.75 -34.61
N ASP A 41 14.31 0.09 -33.78
CA ASP A 41 14.80 1.44 -33.54
C ASP A 41 15.93 1.30 -32.54
N PHE A 42 17.13 1.06 -33.07
CA PHE A 42 18.26 0.66 -32.23
C PHE A 42 18.60 1.76 -31.23
N PRO A 43 18.73 1.43 -29.95
CA PRO A 43 19.16 2.44 -28.97
C PRO A 43 20.65 2.75 -29.12
N LEU A 44 21.01 3.93 -28.62
CA LEU A 44 22.40 4.38 -28.67
C LEU A 44 23.29 3.54 -27.74
N GLY A 49 27.95 1.64 -31.31
CA GLY A 49 28.44 0.40 -31.85
C GLY A 49 28.55 -0.71 -30.81
N HIS A 50 27.86 -0.52 -29.69
CA HIS A 50 27.91 -1.48 -28.60
C HIS A 50 26.94 -2.63 -28.86
N PRO A 51 27.12 -3.76 -28.20
CA PRO A 51 26.17 -4.87 -28.34
C PRO A 51 24.80 -4.52 -27.79
N LEU A 52 23.80 -5.21 -28.34
CA LEU A 52 22.41 -5.05 -27.89
C LEU A 52 22.14 -6.00 -26.75
N LEU A 53 21.63 -5.47 -25.64
CA LEU A 53 21.19 -6.31 -24.54
C LEU A 53 19.83 -6.93 -24.86
N VAL A 54 19.69 -8.21 -24.53
CA VAL A 54 18.43 -8.93 -24.74
C VAL A 54 18.18 -9.82 -23.53
N ALA A 55 16.90 -10.06 -23.25
CA ALA A 55 16.49 -11.03 -22.25
C ALA A 55 16.11 -12.33 -22.93
N VAL A 56 16.53 -13.44 -22.34
CA VAL A 56 16.32 -14.77 -22.92
C VAL A 56 15.70 -15.67 -21.86
N LYS A 57 14.49 -16.15 -22.13
CA LYS A 57 13.87 -17.17 -21.31
C LYS A 57 14.20 -18.54 -21.92
N ILE A 58 14.87 -19.37 -21.15
CA ILE A 58 15.31 -20.69 -21.60
C ILE A 58 14.43 -21.73 -20.93
N LEU A 59 13.59 -22.38 -21.73
CA LEU A 59 12.79 -23.47 -21.20
C LEU A 59 13.69 -24.63 -20.82
N ARG A 60 13.37 -25.30 -19.71
CA ARG A 60 14.19 -26.43 -19.27
C ARG A 60 14.17 -27.52 -20.34
N PRO A 61 15.27 -28.25 -20.51
CA PRO A 61 15.34 -29.21 -21.62
C PRO A 61 14.40 -30.40 -21.45
N ASP A 62 14.06 -30.77 -20.22
CA ASP A 62 13.08 -31.84 -19.97
C ASP A 62 11.71 -31.27 -19.60
N ALA A 63 11.29 -30.21 -20.29
CA ALA A 63 10.00 -29.60 -20.01
C ALA A 63 8.87 -30.51 -20.49
N THR A 64 7.76 -30.49 -19.75
CA THR A 64 6.62 -31.31 -20.13
C THR A 64 5.99 -30.76 -21.41
N LYS A 65 5.23 -31.64 -22.09
CA LYS A 65 4.50 -31.21 -23.28
C LYS A 65 3.59 -30.04 -22.98
N ASN A 66 3.00 -30.02 -21.78
CA ASN A 66 2.14 -28.91 -21.38
C ASN A 66 2.92 -27.60 -21.34
N ALA A 67 4.13 -27.62 -20.75
CA ALA A 67 4.95 -26.42 -20.67
C ALA A 67 5.35 -25.95 -22.06
N ARG A 68 5.75 -26.88 -22.94
CA ARG A 68 6.13 -26.51 -24.30
C ARG A 68 4.96 -25.86 -25.04
N ASN A 69 3.76 -26.41 -24.87
CA ASN A 69 2.58 -25.87 -25.54
C ASN A 69 2.31 -24.44 -25.11
N ASP A 70 2.39 -24.17 -23.80
CA ASP A 70 2.21 -22.81 -23.31
C ASP A 70 3.32 -21.89 -23.81
N PHE A 71 4.55 -22.41 -23.87
CA PHE A 71 5.66 -21.64 -24.43
C PHE A 71 5.37 -21.24 -25.87
N LEU A 72 4.92 -22.20 -26.69
CA LEU A 72 4.63 -21.90 -28.09
C LEU A 72 3.50 -20.89 -28.23
N LYS A 73 2.45 -21.03 -27.41
CA LYS A 73 1.34 -20.09 -27.49
C LYS A 73 1.78 -18.68 -27.10
N GLU A 74 2.64 -18.55 -26.10
CA GLU A 74 3.13 -17.22 -25.72
C GLU A 74 3.90 -16.58 -26.86
N VAL A 75 4.75 -17.36 -27.55
CA VAL A 75 5.47 -16.83 -28.71
C VAL A 75 4.49 -16.29 -29.74
N LYS A 76 3.44 -17.06 -30.02
CA LYS A 76 2.45 -16.64 -31.01
C LYS A 76 1.81 -15.31 -30.64
N ILE A 77 1.38 -15.19 -29.38
CA ILE A 77 0.78 -13.92 -28.93
C ILE A 77 1.78 -12.78 -29.08
N MET A 78 3.01 -13.00 -28.64
CA MET A 78 4.01 -11.92 -28.64
C MET A 78 4.43 -11.54 -30.06
N SER A 79 4.38 -12.49 -31.00
CA SER A 79 4.92 -12.23 -32.34
C SER A 79 4.19 -11.11 -33.07
N ARG A 80 2.94 -10.81 -32.69
CA ARG A 80 2.15 -9.80 -33.38
C ARG A 80 2.29 -8.40 -32.78
N LEU A 81 3.07 -8.23 -31.73
CA LEU A 81 3.15 -6.97 -31.00
C LEU A 81 4.42 -6.23 -31.40
N LYS A 82 4.26 -5.13 -32.13
CA LYS A 82 5.38 -4.32 -32.61
C LYS A 82 5.05 -2.85 -32.38
N ASP A 83 5.53 -2.30 -31.26
CA ASP A 83 5.24 -0.93 -30.87
C ASP A 83 6.34 -0.46 -29.92
N PRO A 84 6.72 0.82 -29.95
CA PRO A 84 7.80 1.28 -29.05
C PRO A 84 7.49 1.15 -27.57
N ASN A 85 6.22 1.08 -27.18
CA ASN A 85 5.83 1.00 -25.78
C ASN A 85 5.25 -0.36 -25.41
N ILE A 86 5.54 -1.37 -26.23
CA ILE A 86 5.22 -2.76 -25.95
C ILE A 86 6.52 -3.56 -26.07
N ILE A 87 6.68 -4.56 -25.19
CA ILE A 87 7.86 -5.39 -25.27
C ILE A 87 7.87 -6.14 -26.60
N ARG A 88 9.07 -6.36 -27.14
CA ARG A 88 9.25 -6.87 -28.49
C ARG A 88 9.86 -8.27 -28.45
N LEU A 89 9.18 -9.23 -29.07
CA LEU A 89 9.77 -10.55 -29.29
C LEU A 89 10.80 -10.44 -30.42
N LEU A 90 12.07 -10.60 -30.08
CA LEU A 90 13.14 -10.47 -31.06
C LEU A 90 13.45 -11.76 -31.79
N GLY A 91 13.14 -12.90 -31.19
CA GLY A 91 13.40 -14.18 -31.84
C GLY A 91 13.14 -15.33 -30.90
N VAL A 92 13.24 -16.54 -31.46
CA VAL A 92 13.01 -17.78 -30.75
C VAL A 92 13.98 -18.83 -31.26
N CYS A 93 14.24 -19.83 -30.41
CA CYS A 93 14.95 -21.05 -30.79
C CYS A 93 14.06 -22.22 -30.41
N VAL A 94 13.40 -22.81 -31.40
CA VAL A 94 12.46 -23.89 -31.15
C VAL A 94 12.78 -25.16 -31.92
N GLN A 95 13.62 -25.10 -32.95
CA GLN A 95 13.90 -26.29 -33.75
C GLN A 95 14.73 -27.34 -33.01
N ASP A 96 15.34 -26.97 -31.88
CA ASP A 96 16.00 -27.93 -31.02
C ASP A 96 15.84 -27.48 -29.57
N ASP A 97 16.13 -28.40 -28.67
CA ASP A 97 16.11 -28.10 -27.25
C ASP A 97 17.44 -27.48 -26.82
N PRO A 98 17.42 -26.56 -25.85
CA PRO A 98 16.23 -26.10 -25.12
C PRO A 98 15.51 -24.95 -25.81
N LEU A 99 14.19 -24.89 -25.63
CA LEU A 99 13.40 -23.83 -26.23
C LEU A 99 13.76 -22.47 -25.63
N CYS A 100 13.93 -21.47 -26.49
CA CYS A 100 14.35 -20.14 -26.08
C CYS A 100 13.43 -19.10 -26.73
N MET A 101 13.10 -18.06 -25.97
CA MET A 101 12.49 -16.87 -26.54
C MET A 101 13.30 -15.65 -26.10
N ILE A 102 13.32 -14.63 -26.96
CA ILE A 102 14.26 -13.52 -26.83
C ILE A 102 13.50 -12.21 -27.00
N THR A 103 13.58 -11.34 -25.99
CA THR A 103 12.98 -10.02 -26.05
C THR A 103 14.06 -8.96 -25.88
N ASP A 104 13.69 -7.72 -26.17
CA ASP A 104 14.55 -6.60 -25.82
C ASP A 104 14.65 -6.47 -24.30
N TYR A 105 15.69 -5.78 -23.85
CA TYR A 105 16.01 -5.67 -22.43
C TYR A 105 15.74 -4.26 -21.94
N MET A 106 15.11 -4.15 -20.77
CA MET A 106 14.83 -2.87 -20.12
C MET A 106 15.61 -2.84 -18.82
N GLU A 107 16.65 -2.01 -18.78
CA GLU A 107 17.68 -2.10 -17.75
C GLU A 107 17.17 -1.81 -16.34
N ASN A 108 16.08 -1.07 -16.19
CA ASN A 108 15.66 -0.65 -14.85
C ASN A 108 14.61 -1.55 -14.24
N GLY A 109 14.27 -2.66 -14.87
CA GLY A 109 13.32 -3.60 -14.29
C GLY A 109 11.89 -3.12 -14.40
N ASP A 110 11.01 -3.74 -13.61
CA ASP A 110 9.61 -3.38 -13.74
C ASP A 110 9.33 -2.03 -13.07
N LEU A 111 8.25 -1.39 -13.52
CA LEU A 111 7.98 -0.01 -13.14
C LEU A 111 7.67 0.12 -11.65
N ASN A 112 7.12 -0.93 -11.04
CA ASN A 112 6.83 -0.86 -9.61
C ASN A 112 8.11 -0.70 -8.80
N GLN A 113 9.10 -1.57 -9.03
CA GLN A 113 10.35 -1.46 -8.29
C GLN A 113 11.11 -0.20 -8.66
N PHE A 114 10.98 0.29 -9.91
CA PHE A 114 11.64 1.53 -10.29
C PHE A 114 11.11 2.69 -9.47
N LEU A 115 9.78 2.88 -9.45
CA LEU A 115 9.20 4.01 -8.73
C LEU A 115 9.32 3.84 -7.22
N SER A 116 9.33 2.60 -6.73
CA SER A 116 9.51 2.36 -5.29
C SER A 116 10.86 2.86 -4.79
N ALA A 117 11.84 2.99 -5.67
CA ALA A 117 13.17 3.45 -5.29
C ALA A 117 13.32 4.96 -5.40
N HIS A 118 12.34 5.65 -5.96
CA HIS A 118 12.39 7.10 -6.13
C HIS A 118 11.46 7.79 -5.14
N GLN A 119 11.68 9.10 -4.99
CA GLN A 119 10.75 9.97 -4.30
C GLN A 119 10.38 11.13 -5.21
N LEU A 120 9.22 11.71 -4.95
CA LEU A 120 8.79 12.87 -5.73
C LEU A 120 9.62 14.08 -5.33
N GLU A 121 10.18 14.77 -6.32
CA GLU A 121 11.01 15.94 -6.04
C GLU A 121 10.19 17.02 -5.35
N ASP A 122 10.81 17.68 -4.38
CA ASP A 122 10.16 18.70 -3.57
C ASP A 122 10.70 20.07 -3.97
N LYS A 123 9.80 20.96 -4.38
CA LYS A 123 10.20 22.28 -4.86
C LYS A 123 10.29 23.31 -3.73
N ALA A 124 9.60 23.09 -2.61
CA ALA A 124 9.73 23.92 -1.43
C ALA A 124 10.75 23.37 -0.44
N ALA A 125 11.50 22.34 -0.83
CA ALA A 125 12.61 21.84 -0.03
C ALA A 125 13.93 21.94 -0.78
N GLU A 126 13.93 22.56 -1.96
CA GLU A 126 15.15 22.73 -2.75
C GLU A 126 15.91 23.99 -2.32
N GLN A 136 19.08 11.00 0.70
CA GLN A 136 19.13 11.76 -0.54
C GLN A 136 19.03 10.84 -1.75
N GLY A 137 18.07 9.91 -1.71
CA GLY A 137 17.90 8.95 -2.76
C GLY A 137 17.45 9.61 -4.06
N PRO A 138 17.32 8.80 -5.11
CA PRO A 138 16.96 9.34 -6.42
C PRO A 138 15.57 9.93 -6.42
N THR A 139 15.39 10.97 -7.23
CA THR A 139 14.13 11.69 -7.33
C THR A 139 13.58 11.59 -8.75
N ILE A 140 12.29 11.90 -8.88
CA ILE A 140 11.62 11.93 -10.17
C ILE A 140 10.62 13.07 -10.15
N SER A 141 10.54 13.81 -11.26
CA SER A 141 9.66 14.96 -11.31
C SER A 141 8.24 14.54 -11.65
N TYR A 142 7.31 15.49 -11.48
CA TYR A 142 5.92 15.21 -11.82
C TYR A 142 5.71 15.16 -13.33
N PRO A 143 6.32 16.05 -14.13
CA PRO A 143 6.24 15.86 -15.59
C PRO A 143 6.77 14.53 -16.06
N MET A 144 7.78 13.97 -15.39
CA MET A 144 8.31 12.68 -15.79
C MET A 144 7.34 11.56 -15.44
N LEU A 145 6.66 11.66 -14.30
CA LEU A 145 5.61 10.70 -13.97
C LEU A 145 4.49 10.74 -15.01
N LEU A 146 4.15 11.94 -15.49
CA LEU A 146 3.16 12.07 -16.55
C LEU A 146 3.67 11.51 -17.87
N HIS A 147 4.97 11.68 -18.14
CA HIS A 147 5.56 11.09 -19.35
C HIS A 147 5.50 9.57 -19.30
N VAL A 148 5.76 8.98 -18.13
CA VAL A 148 5.67 7.53 -17.97
C VAL A 148 4.25 7.07 -18.24
N ALA A 149 3.27 7.72 -17.60
CA ALA A 149 1.87 7.34 -17.80
C ALA A 149 1.45 7.49 -19.24
N ALA A 150 1.97 8.52 -19.93
CA ALA A 150 1.60 8.75 -21.32
C ALA A 150 2.10 7.62 -22.22
N GLN A 151 3.31 7.10 -21.94
CA GLN A 151 3.83 5.98 -22.71
C GLN A 151 2.98 4.73 -22.50
N ILE A 152 2.55 4.49 -21.27
CA ILE A 152 1.69 3.34 -20.99
C ILE A 152 0.39 3.45 -21.79
N ALA A 153 -0.23 4.64 -21.76
CA ALA A 153 -1.44 4.85 -22.54
C ALA A 153 -1.18 4.69 -24.03
N SER A 154 0.00 5.13 -24.50
CA SER A 154 0.36 4.96 -25.91
C SER A 154 0.43 3.49 -26.28
N GLY A 155 1.09 2.68 -25.44
CA GLY A 155 1.15 1.25 -25.71
C GLY A 155 -0.21 0.58 -25.66
N MET A 156 -1.03 0.94 -24.66
CA MET A 156 -2.38 0.41 -24.59
C MET A 156 -3.23 0.86 -25.77
N ARG A 157 -3.01 2.10 -26.23
CA ARG A 157 -3.66 2.57 -27.44
C ARG A 157 -3.35 1.65 -28.62
N TYR A 158 -2.07 1.26 -28.76
CA TYR A 158 -1.68 0.37 -29.84
C TYR A 158 -2.37 -0.99 -29.70
N LEU A 159 -2.40 -1.54 -28.48
CA LEU A 159 -3.06 -2.82 -28.27
C LEU A 159 -4.54 -2.73 -28.62
N ALA A 160 -5.18 -1.60 -28.30
CA ALA A 160 -6.59 -1.42 -28.63
C ALA A 160 -6.84 -1.50 -30.13
N THR A 161 -5.90 -1.00 -30.93
CA THR A 161 -6.07 -1.08 -32.39
C THR A 161 -5.97 -2.52 -32.90
N LEU A 162 -5.38 -3.42 -32.12
CA LEU A 162 -5.30 -4.82 -32.48
C LEU A 162 -6.45 -5.64 -31.91
N ASN A 163 -7.42 -4.99 -31.26
CA ASN A 163 -8.45 -5.69 -30.49
C ASN A 163 -7.82 -6.64 -29.47
N PHE A 164 -6.68 -6.24 -28.91
CA PHE A 164 -5.94 -7.03 -27.95
C PHE A 164 -6.24 -6.51 -26.55
N VAL A 165 -6.82 -7.37 -25.71
CA VAL A 165 -7.14 -7.04 -24.33
C VAL A 165 -6.03 -7.60 -23.45
N HIS A 166 -5.32 -6.71 -22.74
CA HIS A 166 -4.16 -7.14 -21.97
C HIS A 166 -4.56 -8.04 -20.81
N ARG A 167 -5.54 -7.61 -20.01
CA ARG A 167 -6.17 -8.29 -18.89
C ARG A 167 -5.36 -8.21 -17.60
N ASP A 168 -4.12 -7.73 -17.61
CA ASP A 168 -3.31 -7.64 -16.38
C ASP A 168 -2.41 -6.42 -16.42
N LEU A 169 -2.96 -5.27 -16.81
CA LEU A 169 -2.20 -4.03 -16.78
C LEU A 169 -2.00 -3.56 -15.33
N ALA A 170 -0.75 -3.28 -14.98
CA ALA A 170 -0.35 -2.75 -13.70
C ALA A 170 1.13 -2.41 -13.81
N THR A 171 1.62 -1.59 -12.89
CA THR A 171 3.03 -1.17 -12.94
C THR A 171 3.96 -2.37 -12.92
N ARG A 172 3.60 -3.42 -12.18
CA ARG A 172 4.43 -4.62 -12.11
C ARG A 172 4.61 -5.30 -13.47
N ASN A 173 3.78 -4.96 -14.44
CA ASN A 173 3.92 -5.50 -15.79
C ASN A 173 4.42 -4.45 -16.79
N CYS A 174 4.89 -3.30 -16.30
CA CYS A 174 5.53 -2.31 -17.13
C CYS A 174 7.02 -2.30 -16.84
N LEU A 175 7.82 -2.26 -17.91
CA LEU A 175 9.27 -2.31 -17.81
C LEU A 175 9.87 -0.95 -18.15
N VAL A 176 10.98 -0.63 -17.51
CA VAL A 176 11.63 0.68 -17.62
C VAL A 176 13.01 0.49 -18.24
N GLY A 177 13.25 1.18 -19.34
CA GLY A 177 14.55 1.20 -19.99
C GLY A 177 15.28 2.49 -19.74
N GLU A 178 16.18 2.83 -20.66
CA GLU A 178 16.93 4.07 -20.56
C GLU A 178 16.02 5.26 -20.85
N ASN A 179 16.34 6.40 -20.22
CA ASN A 179 15.64 7.66 -20.45
C ASN A 179 14.14 7.52 -20.21
N PHE A 180 13.77 6.71 -19.21
CA PHE A 180 12.39 6.55 -18.74
C PHE A 180 11.47 5.96 -19.81
N THR A 181 12.03 5.28 -20.81
CA THR A 181 11.21 4.56 -21.78
C THR A 181 10.46 3.43 -21.09
N ILE A 182 9.17 3.28 -21.42
CA ILE A 182 8.29 2.31 -20.81
C ILE A 182 7.83 1.32 -21.88
N LYS A 183 7.88 0.03 -21.56
CA LYS A 183 7.32 -1.01 -22.41
C LYS A 183 6.42 -1.90 -21.58
N ILE A 184 5.20 -2.11 -22.06
CA ILE A 184 4.22 -2.96 -21.39
C ILE A 184 4.57 -4.42 -21.65
N ALA A 185 4.50 -5.24 -20.61
CA ALA A 185 4.79 -6.67 -20.70
C ALA A 185 3.69 -7.44 -19.96
N ASP A 186 3.91 -8.73 -19.80
CA ASP A 186 3.01 -9.57 -19.02
C ASP A 186 3.80 -10.78 -18.54
N PHE A 187 4.13 -10.80 -17.25
CA PHE A 187 4.97 -11.84 -16.67
C PHE A 187 4.18 -13.00 -16.08
N GLY A 188 2.85 -13.00 -16.23
CA GLY A 188 2.05 -14.10 -15.71
C GLY A 188 2.13 -14.18 -14.20
N MET A 189 2.24 -15.40 -13.68
CA MET A 189 2.41 -15.63 -12.25
C MET A 189 3.76 -16.24 -11.94
N SER A 190 4.80 -15.78 -12.63
CA SER A 190 6.15 -16.30 -12.47
C SER A 190 6.94 -15.56 -11.41
N ARG A 191 6.29 -14.76 -10.56
CA ARG A 191 6.99 -13.92 -9.60
C ARG A 191 6.28 -14.01 -8.25
N ASN A 192 6.96 -14.59 -7.26
CA ASN A 192 6.41 -14.64 -5.91
C ASN A 192 6.28 -13.27 -5.28
N LEU A 193 6.98 -12.27 -5.83
CA LEU A 193 7.00 -10.94 -5.22
C LEU A 193 5.61 -10.31 -5.20
N TYR A 194 4.80 -10.58 -6.23
CA TYR A 194 3.51 -9.93 -6.39
C TYR A 194 2.33 -10.87 -6.11
N ALA A 195 2.57 -11.95 -5.35
CA ALA A 195 1.52 -12.91 -5.08
C ALA A 195 0.31 -12.25 -4.42
N GLY A 196 0.53 -11.25 -3.58
CA GLY A 196 -0.55 -10.53 -2.93
C GLY A 196 -1.42 -9.73 -3.87
N ASP A 197 -0.99 -9.52 -5.11
CA ASP A 197 -1.79 -8.80 -6.10
C ASP A 197 -2.78 -9.68 -6.83
N TYR A 198 -2.87 -10.97 -6.49
CA TYR A 198 -3.73 -11.89 -7.23
C TYR A 198 -4.58 -12.70 -6.26
N TYR A 199 -5.82 -12.95 -6.67
CA TYR A 199 -6.81 -13.67 -5.89
C TYR A 199 -7.17 -14.95 -6.62
N ARG A 200 -7.08 -16.07 -5.91
CA ARG A 200 -7.31 -17.38 -6.51
C ARG A 200 -8.80 -17.67 -6.61
N VAL A 201 -9.27 -17.99 -7.82
CA VAL A 201 -10.68 -18.22 -8.07
C VAL A 201 -10.98 -19.69 -8.36
N GLN A 202 -10.14 -20.35 -9.16
CA GLN A 202 -10.42 -21.73 -9.56
C GLN A 202 -9.10 -22.41 -9.87
N GLY A 203 -8.77 -23.45 -9.11
CA GLY A 203 -7.54 -24.19 -9.35
C GLY A 203 -6.33 -23.27 -9.30
N ARG A 204 -5.56 -23.27 -10.38
CA ARG A 204 -4.36 -22.45 -10.49
C ARG A 204 -4.64 -21.05 -11.03
N ALA A 205 -5.87 -20.76 -11.43
CA ALA A 205 -6.20 -19.48 -12.04
C ALA A 205 -6.38 -18.42 -10.95
N VAL A 206 -5.72 -17.28 -11.13
CA VAL A 206 -5.79 -16.16 -10.20
C VAL A 206 -6.14 -14.91 -10.99
N LEU A 207 -6.76 -13.94 -10.31
CA LEU A 207 -7.16 -12.71 -10.95
C LEU A 207 -6.62 -11.51 -10.17
N PRO A 208 -6.21 -10.45 -10.88
CA PRO A 208 -5.77 -9.19 -10.23
C PRO A 208 -6.95 -8.28 -9.90
N ILE A 209 -7.75 -8.68 -8.91
CA ILE A 209 -9.05 -8.08 -8.69
C ILE A 209 -8.94 -6.58 -8.41
N ARG A 210 -7.87 -6.15 -7.73
CA ARG A 210 -7.74 -4.75 -7.35
C ARG A 210 -7.50 -3.85 -8.55
N TRP A 211 -7.12 -4.40 -9.69
CA TRP A 211 -6.98 -3.65 -10.93
C TRP A 211 -8.14 -3.87 -11.89
N MET A 212 -9.07 -4.76 -11.54
CA MET A 212 -10.14 -5.19 -12.44
C MET A 212 -11.40 -4.37 -12.24
N ALA A 213 -12.05 -4.05 -13.36
CA ALA A 213 -13.34 -3.36 -13.31
C ALA A 213 -14.39 -4.23 -12.63
N TRP A 214 -15.46 -3.58 -12.16
CA TRP A 214 -16.49 -4.31 -11.44
C TRP A 214 -17.09 -5.43 -12.29
N GLU A 215 -17.26 -5.19 -13.59
CA GLU A 215 -17.87 -6.21 -14.44
C GLU A 215 -16.93 -7.39 -14.66
N CYS A 216 -15.61 -7.16 -14.63
CA CYS A 216 -14.66 -8.27 -14.71
C CYS A 216 -14.80 -9.17 -13.49
N ILE A 217 -14.92 -8.58 -12.31
CA ILE A 217 -14.98 -9.37 -11.07
C ILE A 217 -16.29 -10.15 -10.99
N LEU A 218 -17.40 -9.52 -11.37
CA LEU A 218 -18.71 -10.14 -11.19
C LEU A 218 -19.15 -10.99 -12.38
N MET A 219 -18.77 -10.62 -13.60
CA MET A 219 -19.23 -11.33 -14.79
C MET A 219 -18.11 -11.90 -15.65
N GLY A 220 -16.85 -11.59 -15.35
CA GLY A 220 -15.76 -12.05 -16.19
C GLY A 220 -15.74 -11.38 -17.55
N LYS A 221 -16.18 -10.13 -17.65
CA LYS A 221 -16.20 -9.40 -18.91
C LYS A 221 -14.91 -8.59 -19.01
N PHE A 222 -13.93 -9.12 -19.74
CA PHE A 222 -12.68 -8.42 -19.98
C PHE A 222 -12.72 -7.79 -21.36
N THR A 223 -12.61 -6.46 -21.41
CA THR A 223 -12.67 -5.70 -22.64
C THR A 223 -11.56 -4.66 -22.64
N THR A 224 -11.40 -3.99 -23.78
CA THR A 224 -10.55 -2.80 -23.81
C THR A 224 -11.01 -1.79 -22.77
N ALA A 225 -12.32 -1.66 -22.56
CA ALA A 225 -12.84 -0.73 -21.57
C ALA A 225 -12.46 -1.14 -20.16
N SER A 226 -12.31 -2.43 -19.89
CA SER A 226 -11.81 -2.85 -18.60
C SER A 226 -10.32 -2.63 -18.48
N ASP A 227 -9.59 -2.72 -19.60
CA ASP A 227 -8.20 -2.28 -19.62
C ASP A 227 -8.08 -0.81 -19.24
N VAL A 228 -9.04 0.02 -19.65
CA VAL A 228 -9.03 1.43 -19.27
C VAL A 228 -9.18 1.57 -17.76
N TRP A 229 -10.05 0.76 -17.16
CA TRP A 229 -10.19 0.74 -15.71
C TRP A 229 -8.87 0.40 -15.05
N ALA A 230 -8.20 -0.65 -15.54
CA ALA A 230 -6.90 -1.03 -14.99
C ALA A 230 -5.88 0.09 -15.19
N PHE A 231 -5.98 0.81 -16.32
CA PHE A 231 -5.08 1.94 -16.52
C PHE A 231 -5.28 3.01 -15.46
N GLY A 232 -6.55 3.26 -15.09
CA GLY A 232 -6.81 4.20 -14.01
C GLY A 232 -6.10 3.80 -12.74
N VAL A 233 -6.17 2.51 -12.39
CA VAL A 233 -5.47 2.02 -11.19
C VAL A 233 -3.97 2.12 -11.38
N THR A 234 -3.49 1.81 -12.59
CA THR A 234 -2.06 1.88 -12.86
C THR A 234 -1.55 3.32 -12.75
N LEU A 235 -2.30 4.27 -13.33
CA LEU A 235 -1.96 5.68 -13.17
C LEU A 235 -1.97 6.07 -11.70
N TRP A 236 -2.95 5.56 -10.93
CA TRP A 236 -2.98 5.79 -9.49
C TRP A 236 -1.69 5.29 -8.83
N GLU A 237 -1.23 4.10 -9.22
CA GLU A 237 0.04 3.59 -8.72
C GLU A 237 1.19 4.54 -9.01
N VAL A 238 1.23 5.07 -10.23
CA VAL A 238 2.36 5.91 -10.65
C VAL A 238 2.40 7.20 -9.83
N LEU A 239 1.25 7.83 -9.62
CA LEU A 239 1.24 9.05 -8.83
C LEU A 239 1.35 8.76 -7.33
N MET A 240 1.19 7.51 -6.91
CA MET A 240 1.54 7.07 -5.57
C MET A 240 2.99 6.61 -5.46
N LEU A 241 3.73 6.64 -6.57
CA LEU A 241 5.08 6.10 -6.65
C LEU A 241 5.12 4.70 -6.04
N CYS A 242 4.07 3.92 -6.30
CA CYS A 242 4.00 2.49 -5.97
C CYS A 242 4.27 2.22 -4.50
N ARG A 243 3.92 3.16 -3.63
CA ARG A 243 4.16 2.97 -2.20
C ARG A 243 3.06 2.15 -1.52
N ALA A 244 1.96 1.84 -2.21
CA ALA A 244 0.84 1.20 -1.54
C ALA A 244 0.02 0.40 -2.54
N GLN A 245 -0.42 -0.78 -2.12
CA GLN A 245 -1.33 -1.56 -2.93
C GLN A 245 -2.69 -0.89 -3.01
N PRO A 246 -3.34 -0.90 -4.17
CA PRO A 246 -4.70 -0.38 -4.27
C PRO A 246 -5.61 -1.04 -3.24
N PHE A 247 -6.37 -0.21 -2.51
CA PHE A 247 -7.27 -0.70 -1.47
C PHE A 247 -6.52 -1.54 -0.43
N GLY A 248 -5.29 -1.11 -0.12
CA GLY A 248 -4.39 -1.96 0.66
C GLY A 248 -4.94 -2.41 2.00
N GLN A 249 -5.75 -1.59 2.64
CA GLN A 249 -6.31 -1.94 3.95
C GLN A 249 -7.64 -2.67 3.83
N LEU A 250 -8.05 -3.07 2.63
CA LEU A 250 -9.25 -3.85 2.40
C LEU A 250 -8.86 -5.26 1.98
N THR A 251 -9.61 -6.25 2.44
CA THR A 251 -9.34 -7.63 2.06
C THR A 251 -9.82 -7.87 0.63
N ASP A 252 -9.35 -8.98 0.05
CA ASP A 252 -9.80 -9.39 -1.27
C ASP A 252 -11.31 -9.49 -1.32
N GLU A 253 -11.91 -10.14 -0.31
CA GLU A 253 -13.35 -10.26 -0.24
C GLU A 253 -14.02 -8.90 -0.24
N GLN A 254 -13.44 -7.92 0.47
CA GLN A 254 -14.00 -6.59 0.49
C GLN A 254 -13.89 -5.90 -0.87
N VAL A 255 -12.78 -6.11 -1.57
CA VAL A 255 -12.67 -5.60 -2.94
C VAL A 255 -13.74 -6.23 -3.83
N ILE A 256 -13.98 -7.52 -3.65
CA ILE A 256 -15.02 -8.20 -4.42
C ILE A 256 -16.40 -7.65 -4.05
N GLU A 257 -16.63 -7.41 -2.76
CA GLU A 257 -17.86 -6.73 -2.34
C GLU A 257 -18.00 -5.38 -3.05
N ASN A 258 -16.90 -4.64 -3.17
CA ASN A 258 -16.96 -3.31 -3.75
C ASN A 258 -17.45 -3.34 -5.19
N ALA A 259 -17.07 -4.39 -5.93
CA ALA A 259 -17.58 -4.54 -7.30
C ALA A 259 -19.08 -4.77 -7.32
N GLY A 260 -19.60 -5.48 -6.31
CA GLY A 260 -21.04 -5.65 -6.20
C GLY A 260 -21.76 -4.35 -5.90
N GLU A 261 -21.06 -3.40 -5.26
CA GLU A 261 -21.68 -2.10 -4.99
C GLU A 261 -21.67 -1.20 -6.21
N PHE A 262 -20.66 -1.34 -7.09
CA PHE A 262 -20.75 -0.73 -8.40
C PHE A 262 -21.96 -1.26 -9.17
N PHE A 263 -22.22 -2.56 -9.06
CA PHE A 263 -23.40 -3.14 -9.70
C PHE A 263 -24.67 -2.64 -9.04
N ARG A 264 -24.72 -2.66 -7.70
CA ARG A 264 -25.90 -2.20 -6.98
C ARG A 264 -26.21 -0.74 -7.31
N ASP A 265 -25.18 0.10 -7.30
CA ASP A 265 -25.26 1.49 -7.78
C ASP A 265 -26.15 2.35 -6.88
N GLN A 266 -26.07 2.15 -5.57
CA GLN A 266 -26.81 2.96 -4.62
C GLN A 266 -25.88 3.77 -3.71
N GLY A 267 -24.74 4.19 -4.24
CA GLY A 267 -23.86 5.10 -3.53
C GLY A 267 -23.01 4.47 -2.46
N ARG A 268 -22.84 3.16 -2.46
CA ARG A 268 -22.03 2.47 -1.45
C ARG A 268 -20.68 2.02 -1.99
N GLN A 269 -20.44 2.14 -3.29
CA GLN A 269 -19.15 1.78 -3.86
C GLN A 269 -18.10 2.83 -3.48
N VAL A 270 -16.85 2.38 -3.39
CA VAL A 270 -15.76 3.25 -2.98
C VAL A 270 -14.69 3.26 -4.07
N TYR A 271 -13.89 4.32 -4.07
CA TYR A 271 -12.84 4.52 -5.04
C TYR A 271 -11.50 4.71 -4.36
N LEU A 272 -10.43 4.47 -5.12
CA LEU A 272 -9.10 4.84 -4.67
C LEU A 272 -9.05 6.34 -4.44
N SER A 273 -8.44 6.75 -3.33
CA SER A 273 -8.38 8.17 -2.99
C SER A 273 -7.41 8.90 -3.91
N ARG A 274 -7.55 10.22 -3.95
CA ARG A 274 -6.62 11.04 -4.72
C ARG A 274 -5.23 10.94 -4.13
N PRO A 275 -4.22 10.54 -4.90
CA PRO A 275 -2.88 10.42 -4.33
C PRO A 275 -2.40 11.75 -3.80
N PRO A 276 -1.56 11.74 -2.77
CA PRO A 276 -0.95 12.99 -2.30
C PRO A 276 -0.23 13.71 -3.43
N ALA A 277 -0.48 15.01 -3.52
CA ALA A 277 0.05 15.92 -4.54
C ALA A 277 -0.53 15.70 -5.93
N CYS A 278 -1.49 14.79 -6.09
CA CYS A 278 -2.10 14.57 -7.40
C CYS A 278 -3.06 15.71 -7.71
N PRO A 279 -2.88 16.43 -8.81
CA PRO A 279 -3.83 17.51 -9.17
C PRO A 279 -5.23 16.96 -9.38
N GLN A 280 -6.22 17.81 -9.08
CA GLN A 280 -7.61 17.39 -9.16
C GLN A 280 -7.97 16.93 -10.56
N GLY A 281 -7.42 17.60 -11.57
CA GLY A 281 -7.72 17.23 -12.95
C GLY A 281 -7.26 15.83 -13.31
N LEU A 282 -6.13 15.39 -12.74
CA LEU A 282 -5.66 14.04 -13.00
C LEU A 282 -6.48 13.01 -12.24
N TYR A 283 -6.86 13.34 -11.00
CA TYR A 283 -7.77 12.45 -10.27
C TYR A 283 -9.10 12.32 -10.99
N GLU A 284 -9.57 13.41 -11.60
CA GLU A 284 -10.79 13.34 -12.39
C GLU A 284 -10.63 12.42 -13.60
N LEU A 285 -9.44 12.41 -14.20
CA LEU A 285 -9.16 11.47 -15.29
C LEU A 285 -9.26 10.04 -14.80
N MET A 286 -8.68 9.74 -13.63
CA MET A 286 -8.80 8.41 -13.06
C MET A 286 -10.26 8.03 -12.84
N LEU A 287 -11.07 8.98 -12.36
CA LEU A 287 -12.45 8.68 -12.02
C LEU A 287 -13.27 8.35 -13.26
N ARG A 288 -12.97 8.99 -14.39
CA ARG A 288 -13.65 8.65 -15.63
C ARG A 288 -13.27 7.24 -16.08
N CYS A 289 -12.02 6.84 -15.84
CA CYS A 289 -11.62 5.46 -16.12
C CYS A 289 -12.42 4.47 -15.28
N TRP A 290 -12.89 4.90 -14.11
CA TRP A 290 -13.67 4.05 -13.22
C TRP A 290 -15.17 4.30 -13.33
N SER A 291 -15.62 4.80 -14.49
CA SER A 291 -17.03 4.97 -14.73
C SER A 291 -17.74 3.62 -14.67
N ARG A 292 -18.91 3.60 -14.04
CA ARG A 292 -19.68 2.37 -13.95
C ARG A 292 -19.96 1.80 -15.34
N GLU A 293 -20.42 2.64 -16.27
CA GLU A 293 -20.70 2.20 -17.63
C GLU A 293 -19.41 2.19 -18.44
N SER A 294 -19.09 1.02 -19.02
CA SER A 294 -17.85 0.89 -19.77
C SER A 294 -17.77 1.88 -20.92
N GLU A 295 -18.90 2.23 -21.53
CA GLU A 295 -18.87 3.15 -22.66
C GLU A 295 -18.59 4.59 -22.25
N GLN A 296 -18.72 4.92 -20.97
CA GLN A 296 -18.37 6.27 -20.53
C GLN A 296 -16.88 6.40 -20.22
N ARG A 297 -16.14 5.30 -20.17
CA ARG A 297 -14.73 5.38 -19.86
C ARG A 297 -13.95 5.87 -21.08
N PRO A 298 -12.96 6.74 -20.89
CA PRO A 298 -12.30 7.35 -22.03
C PRO A 298 -11.53 6.30 -22.81
N PRO A 299 -11.41 6.49 -24.12
CA PRO A 299 -10.55 5.60 -24.92
C PRO A 299 -9.07 5.94 -24.71
N PHE A 300 -8.23 4.93 -24.97
CA PHE A 300 -6.80 5.09 -24.74
C PHE A 300 -6.21 6.20 -25.60
N SER A 301 -6.78 6.46 -26.77
CA SER A 301 -6.30 7.57 -27.59
C SER A 301 -6.54 8.91 -26.90
N GLN A 302 -7.68 9.07 -26.24
CA GLN A 302 -7.93 10.29 -25.47
C GLN A 302 -7.02 10.36 -24.25
N LEU A 303 -6.84 9.23 -23.56
CA LEU A 303 -5.95 9.21 -22.40
C LEU A 303 -4.52 9.55 -22.80
N HIS A 304 -4.05 9.00 -23.93
CA HIS A 304 -2.72 9.32 -24.41
C HIS A 304 -2.59 10.80 -24.74
N ARG A 305 -3.58 11.36 -25.44
CA ARG A 305 -3.52 12.75 -25.84
C ARG A 305 -3.54 13.68 -24.62
N PHE A 306 -4.41 13.38 -23.64
CA PHE A 306 -4.46 14.16 -22.41
C PHE A 306 -3.11 14.18 -21.70
N LEU A 307 -2.54 12.98 -21.48
CA LEU A 307 -1.34 12.87 -20.66
C LEU A 307 -0.10 13.40 -21.39
N ALA A 308 -0.04 13.22 -22.71
CA ALA A 308 1.12 13.71 -23.45
C ALA A 308 1.16 15.23 -23.46
N GLU A 309 0.00 15.87 -23.53
CA GLU A 309 -0.05 17.33 -23.45
C GLU A 309 0.18 17.80 -22.02
N ASP A 310 -0.42 17.11 -21.03
CA ASP A 310 -0.22 17.46 -19.64
C ASP A 310 1.24 17.32 -19.23
N ALA A 311 1.94 16.33 -19.80
CA ALA A 311 3.35 16.13 -19.46
C ALA A 311 4.20 17.30 -19.95
N LEU A 312 3.87 17.87 -21.11
CA LEU A 312 4.63 18.98 -21.65
C LEU A 312 4.20 20.32 -21.06
N ASN A 313 3.03 20.40 -20.46
CA ASN A 313 2.54 21.63 -19.85
C ASN A 313 2.57 21.52 -18.33
N THR A 314 3.66 21.01 -17.79
CA THR A 314 3.80 20.86 -16.34
C THR A 314 5.25 21.04 -15.92
N ARG B 4 -28.33 -3.88 4.56
CA ARG B 4 -28.13 -3.67 5.99
C ARG B 4 -28.81 -2.39 6.45
N VAL B 5 -29.54 -2.48 7.57
CA VAL B 5 -30.29 -1.34 8.08
C VAL B 5 -29.36 -0.36 8.76
N ASP B 6 -29.65 0.93 8.61
CA ASP B 6 -28.87 1.98 9.24
C ASP B 6 -29.13 2.02 10.75
N PHE B 7 -28.30 2.78 11.44
CA PHE B 7 -28.57 3.08 12.85
C PHE B 7 -29.61 4.19 12.94
N PRO B 8 -30.55 4.09 13.88
CA PRO B 8 -31.57 5.15 14.02
C PRO B 8 -30.95 6.43 14.57
N ARG B 9 -31.06 7.51 13.78
CA ARG B 9 -30.40 8.76 14.13
C ARG B 9 -30.98 9.36 15.40
N SER B 10 -32.29 9.27 15.58
CA SER B 10 -32.95 9.98 16.67
C SER B 10 -32.52 9.49 18.04
N ARG B 11 -32.02 8.26 18.14
CA ARG B 11 -31.62 7.73 19.44
C ARG B 11 -30.30 8.31 19.93
N LEU B 12 -29.51 8.91 19.03
CA LEU B 12 -28.26 9.55 19.40
C LEU B 12 -28.57 10.94 19.94
N ARG B 13 -28.70 11.05 21.26
CA ARG B 13 -28.96 12.33 21.89
C ARG B 13 -27.63 13.02 22.17
N PHE B 14 -27.53 14.29 21.79
CA PHE B 14 -26.28 15.02 21.85
C PHE B 14 -25.93 15.41 23.28
N LYS B 15 -24.65 15.23 23.63
CA LYS B 15 -24.13 15.68 24.92
C LYS B 15 -23.16 16.85 24.74
N GLU B 16 -22.05 16.63 24.04
CA GLU B 16 -21.09 17.71 23.80
C GLU B 16 -20.31 17.41 22.53
N LYS B 17 -19.79 18.47 21.92
CA LYS B 17 -18.94 18.35 20.74
C LYS B 17 -17.51 18.07 21.16
N LEU B 18 -16.97 16.93 20.75
CA LEU B 18 -15.61 16.56 21.12
C LEU B 18 -14.57 17.15 20.19
N GLY B 19 -14.95 17.57 18.98
CA GLY B 19 -14.00 18.16 18.07
C GLY B 19 -14.60 18.71 16.79
N GLU B 20 -14.00 19.77 16.26
CA GLU B 20 -14.38 20.33 14.97
C GLU B 20 -13.34 19.94 13.93
N GLY B 21 -13.80 19.46 12.77
CA GLY B 21 -12.94 19.05 11.70
C GLY B 21 -13.17 19.86 10.44
N GLN B 22 -12.26 19.70 9.48
CA GLN B 22 -12.37 20.40 8.21
C GLN B 22 -13.54 19.92 7.38
N PHE B 23 -13.99 18.67 7.58
CA PHE B 23 -15.09 18.11 6.83
C PHE B 23 -16.18 17.51 7.72
N GLY B 24 -16.19 17.84 9.01
CA GLY B 24 -17.24 17.36 9.87
C GLY B 24 -16.97 17.67 11.32
N GLU B 25 -17.74 17.02 12.19
CA GLU B 25 -17.64 17.19 13.63
C GLU B 25 -17.70 15.82 14.31
N VAL B 26 -17.16 15.79 15.53
CA VAL B 26 -17.22 14.60 16.39
C VAL B 26 -18.04 14.97 17.62
N HIS B 27 -19.05 14.16 17.92
CA HIS B 27 -19.94 14.41 19.04
C HIS B 27 -19.88 13.25 20.02
N LEU B 28 -19.98 13.57 21.31
CA LEU B 28 -20.26 12.58 22.33
C LEU B 28 -21.77 12.50 22.53
N CYS B 29 -22.31 11.29 22.42
CA CYS B 29 -23.76 11.10 22.41
C CYS B 29 -24.17 10.00 23.38
N GLU B 30 -25.40 10.10 23.84
CA GLU B 30 -26.08 9.04 24.55
C GLU B 30 -27.14 8.42 23.67
N VAL B 31 -27.14 7.08 23.61
CA VAL B 31 -28.20 6.33 22.96
C VAL B 31 -29.41 6.31 23.89
N ASP B 32 -30.56 6.75 23.37
CA ASP B 32 -31.74 6.97 24.20
C ASP B 32 -32.13 5.71 24.98
N SER B 33 -32.43 4.62 24.26
CA SER B 33 -32.78 3.33 24.85
C SER B 33 -31.81 2.28 24.33
N PRO B 34 -30.70 2.04 25.04
CA PRO B 34 -29.74 1.02 24.57
C PRO B 34 -30.27 -0.40 24.64
N GLN B 35 -31.23 -0.69 25.52
CA GLN B 35 -31.74 -2.04 25.66
C GLN B 35 -32.56 -2.47 24.45
N ASP B 36 -33.22 -1.52 23.77
CA ASP B 36 -34.01 -1.85 22.58
C ASP B 36 -33.11 -2.31 21.44
N LEU B 37 -32.06 -1.54 21.16
CA LEU B 37 -31.16 -1.82 20.06
C LEU B 37 -30.14 -2.92 20.37
N VAL B 38 -30.16 -3.48 21.59
CA VAL B 38 -29.16 -4.46 21.99
C VAL B 38 -29.23 -5.73 21.16
N SER B 39 -30.35 -5.98 20.50
CA SER B 39 -30.49 -7.17 19.66
C SER B 39 -29.63 -7.05 18.41
N PRO B 51 -26.26 4.42 31.61
CA PRO B 51 -26.54 4.69 30.19
C PRO B 51 -25.60 3.92 29.26
N LEU B 52 -25.38 4.44 28.06
CA LEU B 52 -24.43 3.85 27.11
C LEU B 52 -23.90 4.97 26.22
N LEU B 53 -22.66 5.36 26.43
CA LEU B 53 -22.09 6.49 25.70
C LEU B 53 -21.43 6.02 24.42
N VAL B 54 -21.54 6.81 23.36
CA VAL B 54 -20.93 6.52 22.07
C VAL B 54 -20.27 7.77 21.52
N ALA B 55 -19.20 7.55 20.75
CA ALA B 55 -18.59 8.60 19.95
C ALA B 55 -19.17 8.55 18.54
N VAL B 56 -19.44 9.73 17.97
CA VAL B 56 -20.10 9.83 16.68
C VAL B 56 -19.39 10.88 15.84
N LYS B 57 -18.92 10.49 14.66
CA LYS B 57 -18.32 11.42 13.69
C LYS B 57 -19.37 11.78 12.65
N ILE B 58 -19.68 13.07 12.54
CA ILE B 58 -20.68 13.56 11.60
C ILE B 58 -19.96 14.20 10.43
N LEU B 59 -20.17 13.67 9.23
CA LEU B 59 -19.71 14.34 8.02
C LEU B 59 -20.59 15.57 7.76
N ARG B 60 -19.98 16.60 7.17
CA ARG B 60 -20.77 17.77 6.79
C ARG B 60 -21.76 17.42 5.69
N PRO B 61 -22.98 17.95 5.73
CA PRO B 61 -23.89 17.76 4.60
C PRO B 61 -23.45 18.49 3.35
N ASP B 62 -22.37 19.28 3.44
CA ASP B 62 -21.80 20.00 2.32
C ASP B 62 -20.40 19.51 1.98
N ALA B 63 -20.03 18.33 2.45
CA ALA B 63 -18.69 17.82 2.21
C ALA B 63 -18.56 17.36 0.75
N THR B 64 -17.33 17.39 0.25
CA THR B 64 -17.07 16.95 -1.10
C THR B 64 -17.31 15.44 -1.23
N LYS B 65 -17.48 14.99 -2.49
CA LYS B 65 -17.59 13.56 -2.73
C LYS B 65 -16.34 12.81 -2.30
N ASN B 66 -15.17 13.44 -2.41
CA ASN B 66 -13.93 12.84 -1.94
C ASN B 66 -14.01 12.54 -0.45
N ALA B 67 -14.42 13.52 0.35
CA ALA B 67 -14.58 13.30 1.79
C ALA B 67 -15.58 12.18 2.06
N ARG B 68 -16.70 12.18 1.33
CA ARG B 68 -17.68 11.12 1.49
C ARG B 68 -17.09 9.76 1.14
N ASN B 69 -16.26 9.71 0.09
CA ASN B 69 -15.63 8.44 -0.29
C ASN B 69 -14.67 7.96 0.79
N ASP B 70 -13.85 8.87 1.33
CA ASP B 70 -12.94 8.51 2.41
C ASP B 70 -13.71 8.07 3.66
N PHE B 71 -14.90 8.64 3.87
CA PHE B 71 -15.72 8.24 5.01
C PHE B 71 -16.17 6.79 4.88
N LEU B 72 -16.72 6.43 3.72
CA LEU B 72 -17.21 5.07 3.52
C LEU B 72 -16.10 4.05 3.58
N LYS B 73 -14.90 4.41 3.13
CA LYS B 73 -13.78 3.46 3.20
C LYS B 73 -13.36 3.23 4.65
N GLU B 74 -13.37 4.28 5.48
CA GLU B 74 -13.09 4.09 6.89
C GLU B 74 -14.10 3.15 7.53
N VAL B 75 -15.38 3.29 7.16
CA VAL B 75 -16.42 2.37 7.63
C VAL B 75 -16.03 0.94 7.29
N LYS B 76 -15.69 0.70 6.03
CA LYS B 76 -15.35 -0.64 5.58
C LYS B 76 -14.20 -1.24 6.39
N ILE B 77 -13.14 -0.47 6.56
CA ILE B 77 -11.99 -0.93 7.34
C ILE B 77 -12.41 -1.29 8.76
N MET B 78 -13.10 -0.36 9.43
CA MET B 78 -13.48 -0.58 10.83
C MET B 78 -14.51 -1.69 10.97
N SER B 79 -15.27 -1.98 9.91
CA SER B 79 -16.37 -2.93 10.02
C SER B 79 -15.88 -4.33 10.40
N ARG B 80 -14.62 -4.65 10.11
CA ARG B 80 -14.09 -5.99 10.34
C ARG B 80 -13.21 -6.07 11.59
N LEU B 81 -13.22 -5.04 12.43
CA LEU B 81 -12.38 -5.00 13.63
C LEU B 81 -13.24 -5.33 14.84
N LYS B 82 -13.06 -6.54 15.37
CA LYS B 82 -13.84 -7.03 16.51
C LYS B 82 -12.85 -7.68 17.49
N ASP B 83 -12.47 -6.92 18.52
CA ASP B 83 -11.55 -7.39 19.55
C ASP B 83 -11.67 -6.51 20.78
N PRO B 84 -11.54 -7.08 21.99
CA PRO B 84 -11.69 -6.25 23.21
C PRO B 84 -10.70 -5.09 23.30
N ASN B 85 -9.58 -5.15 22.59
CA ASN B 85 -8.57 -4.10 22.65
C ASN B 85 -8.46 -3.32 21.35
N ILE B 86 -9.51 -3.35 20.53
CA ILE B 86 -9.59 -2.56 19.31
C ILE B 86 -10.88 -1.77 19.35
N ILE B 87 -10.80 -0.48 18.97
CA ILE B 87 -12.01 0.32 18.82
C ILE B 87 -13.01 -0.44 17.96
N ARG B 88 -14.29 -0.33 18.31
CA ARG B 88 -15.33 -1.11 17.67
C ARG B 88 -16.38 -0.20 17.06
N LEU B 89 -16.62 -0.39 15.77
CA LEU B 89 -17.71 0.31 15.09
C LEU B 89 -19.04 -0.28 15.53
N LEU B 90 -19.90 0.56 16.10
CA LEU B 90 -21.20 0.10 16.56
C LEU B 90 -22.29 0.27 15.51
N GLY B 91 -22.15 1.18 14.56
CA GLY B 91 -23.16 1.38 13.55
C GLY B 91 -22.84 2.59 12.70
N VAL B 92 -23.63 2.72 11.63
CA VAL B 92 -23.45 3.80 10.66
C VAL B 92 -24.81 4.36 10.28
N CYS B 93 -24.82 5.62 9.86
CA CYS B 93 -26.01 6.30 9.37
C CYS B 93 -25.66 6.84 7.97
N VAL B 94 -25.93 6.04 6.95
CA VAL B 94 -25.52 6.36 5.59
C VAL B 94 -26.68 6.40 4.60
N GLN B 95 -27.90 6.09 5.04
CA GLN B 95 -29.05 6.21 4.13
C GLN B 95 -29.31 7.68 3.75
N ASP B 96 -29.10 8.62 4.67
CA ASP B 96 -29.28 10.03 4.38
C ASP B 96 -28.04 10.82 4.78
N ASP B 97 -28.09 12.12 4.52
CA ASP B 97 -27.15 13.14 4.92
C ASP B 97 -27.64 13.82 6.21
N PRO B 98 -26.74 14.06 7.17
CA PRO B 98 -25.30 13.81 7.07
C PRO B 98 -24.91 12.38 7.43
N LEU B 99 -23.79 11.91 6.89
CA LEU B 99 -23.32 10.56 7.20
C LEU B 99 -22.74 10.52 8.60
N CYS B 100 -22.96 9.40 9.30
CA CYS B 100 -22.50 9.22 10.67
C CYS B 100 -21.92 7.82 10.84
N MET B 101 -20.82 7.72 11.59
CA MET B 101 -20.28 6.45 12.07
C MET B 101 -20.21 6.49 13.59
N ILE B 102 -20.41 5.34 14.22
CA ILE B 102 -20.62 5.27 15.67
C ILE B 102 -19.71 4.21 16.26
N THR B 103 -18.92 4.60 17.26
CA THR B 103 -18.06 3.69 17.99
C THR B 103 -18.34 3.79 19.48
N ASP B 104 -17.88 2.79 20.23
CA ASP B 104 -17.94 2.87 21.67
C ASP B 104 -17.07 4.02 22.18
N TYR B 105 -17.39 4.51 23.37
CA TYR B 105 -16.73 5.67 23.94
C TYR B 105 -15.80 5.25 25.06
N MET B 106 -14.60 5.82 25.07
CA MET B 106 -13.62 5.63 26.11
C MET B 106 -13.50 6.93 26.90
N GLU B 107 -13.86 6.88 28.19
CA GLU B 107 -14.08 8.09 28.96
C GLU B 107 -12.81 8.87 29.25
N ASN B 108 -11.64 8.22 29.22
CA ASN B 108 -10.40 8.84 29.68
C ASN B 108 -9.53 9.34 28.54
N GLY B 109 -10.09 9.51 27.34
CA GLY B 109 -9.34 10.06 26.24
C GLY B 109 -8.24 9.12 25.77
N ASP B 110 -7.28 9.68 25.04
CA ASP B 110 -6.22 8.84 24.53
C ASP B 110 -5.17 8.58 25.61
N LEU B 111 -4.34 7.56 25.35
CA LEU B 111 -3.40 7.11 26.37
C LEU B 111 -2.31 8.13 26.65
N ASN B 112 -1.93 8.93 25.63
CA ASN B 112 -0.92 9.96 25.86
C ASN B 112 -1.41 11.00 26.87
N GLN B 113 -2.64 11.48 26.68
CA GLN B 113 -3.23 12.41 27.65
C GLN B 113 -3.46 11.73 29.00
N PHE B 114 -3.75 10.43 29.00
CA PHE B 114 -3.99 9.71 30.25
C PHE B 114 -2.71 9.62 31.07
N LEU B 115 -1.64 9.11 30.47
CA LEU B 115 -0.39 8.94 31.20
C LEU B 115 0.24 10.28 31.55
N SER B 116 0.10 11.29 30.68
CA SER B 116 0.68 12.60 30.97
C SER B 116 0.05 13.23 32.19
N ALA B 117 -1.18 12.86 32.51
CA ALA B 117 -1.86 13.39 33.69
C ALA B 117 -1.52 12.62 34.96
N HIS B 118 -0.81 11.50 34.84
CA HIS B 118 -0.47 10.66 35.97
C HIS B 118 1.02 10.78 36.28
N GLN B 119 1.37 10.35 37.49
CA GLN B 119 2.76 10.11 37.86
C GLN B 119 2.91 8.68 38.34
N LEU B 120 4.15 8.18 38.29
CA LEU B 120 4.41 6.81 38.68
C LEU B 120 4.21 6.66 40.18
N GLU B 121 3.50 5.60 40.58
CA GLU B 121 3.27 5.36 42.00
C GLU B 121 4.56 4.91 42.67
N ASP B 122 4.80 5.46 43.85
CA ASP B 122 5.96 5.14 44.69
C ASP B 122 5.43 4.98 46.11
N LYS B 123 5.10 3.75 46.49
CA LYS B 123 4.57 3.52 47.84
C LYS B 123 5.59 3.80 48.93
N ALA B 124 6.88 3.86 48.59
CA ALA B 124 7.93 4.26 49.53
C ALA B 124 7.98 5.77 49.74
N ALA B 125 6.96 6.50 49.29
CA ALA B 125 6.92 7.95 49.43
C ALA B 125 5.46 8.43 49.52
N GLY B 137 -0.59 14.47 42.12
CA GLY B 137 -1.84 14.15 41.46
C GLY B 137 -2.16 12.66 41.44
N PRO B 138 -2.94 12.23 40.46
CA PRO B 138 -3.26 10.81 40.34
C PRO B 138 -2.04 9.99 39.97
N THR B 139 -2.03 8.73 40.43
CA THR B 139 -0.89 7.86 40.26
C THR B 139 -1.30 6.58 39.53
N ILE B 140 -0.29 5.89 39.00
CA ILE B 140 -0.47 4.61 38.33
C ILE B 140 0.73 3.74 38.66
N SER B 141 0.47 2.48 39.00
CA SER B 141 1.54 1.57 39.41
C SER B 141 2.32 1.10 38.18
N TYR B 142 3.45 0.45 38.45
CA TYR B 142 4.23 -0.16 37.38
C TYR B 142 3.55 -1.43 36.85
N PRO B 143 2.99 -2.29 37.71
CA PRO B 143 2.21 -3.42 37.17
C PRO B 143 1.05 -2.99 36.30
N MET B 144 0.41 -1.85 36.61
CA MET B 144 -0.67 -1.37 35.76
C MET B 144 -0.14 -0.88 34.41
N LEU B 145 1.04 -0.25 34.41
CA LEU B 145 1.69 0.12 33.16
C LEU B 145 1.97 -1.11 32.30
N LEU B 146 2.44 -2.19 32.93
CA LEU B 146 2.63 -3.44 32.19
C LEU B 146 1.31 -4.01 31.70
N HIS B 147 0.25 -3.87 32.50
CA HIS B 147 -1.07 -4.33 32.06
C HIS B 147 -1.57 -3.50 30.87
N VAL B 148 -1.31 -2.20 30.88
CA VAL B 148 -1.64 -1.35 29.74
C VAL B 148 -0.90 -1.82 28.49
N ALA B 149 0.42 -1.99 28.62
CA ALA B 149 1.23 -2.42 27.48
C ALA B 149 0.85 -3.81 27.01
N ALA B 150 0.44 -4.68 27.93
CA ALA B 150 -0.01 -6.02 27.55
C ALA B 150 -1.28 -5.96 26.71
N GLN B 151 -2.22 -5.09 27.08
CA GLN B 151 -3.44 -4.93 26.30
C GLN B 151 -3.14 -4.46 24.89
N ILE B 152 -2.20 -3.52 24.74
CA ILE B 152 -1.82 -3.05 23.42
C ILE B 152 -1.26 -4.19 22.59
N ALA B 153 -0.42 -5.02 23.20
CA ALA B 153 0.18 -6.15 22.48
C ALA B 153 -0.88 -7.19 22.10
N SER B 154 -1.91 -7.35 22.92
CA SER B 154 -2.99 -8.28 22.59
C SER B 154 -3.80 -7.78 21.40
N GLY B 155 -4.12 -6.48 21.38
CA GLY B 155 -4.83 -5.92 20.25
C GLY B 155 -4.04 -6.02 18.96
N MET B 156 -2.74 -5.71 19.03
CA MET B 156 -1.89 -5.81 17.85
C MET B 156 -1.75 -7.25 17.37
N ARG B 157 -1.80 -8.22 18.30
CA ARG B 157 -1.83 -9.62 17.88
C ARG B 157 -3.10 -9.94 17.11
N TYR B 158 -4.22 -9.31 17.49
CA TYR B 158 -5.45 -9.50 16.74
C TYR B 158 -5.32 -8.93 15.33
N LEU B 159 -4.79 -7.71 15.21
CA LEU B 159 -4.60 -7.10 13.90
C LEU B 159 -3.68 -7.95 13.02
N ALA B 160 -2.65 -8.55 13.62
CA ALA B 160 -1.72 -9.36 12.86
C ALA B 160 -2.38 -10.62 12.32
N THR B 161 -3.32 -11.21 13.05
CA THR B 161 -4.04 -12.37 12.55
C THR B 161 -4.94 -11.99 11.37
N LEU B 162 -5.33 -10.73 11.26
CA LEU B 162 -6.11 -10.24 10.13
C LEU B 162 -5.24 -9.69 9.01
N ASN B 163 -3.92 -9.91 9.08
CA ASN B 163 -2.97 -9.35 8.13
C ASN B 163 -3.18 -7.85 7.97
N PHE B 164 -3.54 -7.20 9.09
CA PHE B 164 -3.79 -5.76 9.12
C PHE B 164 -2.57 -5.07 9.70
N VAL B 165 -1.95 -4.20 8.92
CA VAL B 165 -0.81 -3.41 9.35
C VAL B 165 -1.31 -2.04 9.76
N HIS B 166 -1.13 -1.70 11.04
CA HIS B 166 -1.69 -0.46 11.57
C HIS B 166 -1.04 0.77 10.95
N ARG B 167 0.29 0.85 11.01
CA ARG B 167 1.18 1.85 10.43
C ARG B 167 1.28 3.13 11.27
N ASP B 168 0.50 3.28 12.34
CA ASP B 168 0.58 4.48 13.17
C ASP B 168 0.35 4.13 14.64
N LEU B 169 1.01 3.07 15.10
CA LEU B 169 0.89 2.68 16.51
C LEU B 169 1.70 3.64 17.38
N ALA B 170 1.06 4.13 18.45
CA ALA B 170 1.59 5.12 19.38
C ALA B 170 0.52 5.36 20.42
N THR B 171 0.93 5.90 21.58
CA THR B 171 -0.03 6.13 22.66
C THR B 171 -1.12 7.10 22.24
N ARG B 172 -0.81 8.04 21.34
CA ARG B 172 -1.81 8.99 20.90
C ARG B 172 -2.96 8.32 20.15
N ASN B 173 -2.77 7.10 19.67
CA ASN B 173 -3.82 6.34 18.99
C ASN B 173 -4.39 5.22 19.84
N CYS B 174 -4.08 5.20 21.13
CA CYS B 174 -4.68 4.26 22.06
C CYS B 174 -5.63 5.01 22.98
N LEU B 175 -6.78 4.41 23.25
CA LEU B 175 -7.81 5.04 24.06
C LEU B 175 -7.99 4.28 25.37
N VAL B 176 -8.35 5.02 26.42
CA VAL B 176 -8.47 4.48 27.77
C VAL B 176 -9.93 4.59 28.20
N GLY B 177 -10.51 3.47 28.58
CA GLY B 177 -11.82 3.41 29.18
C GLY B 177 -11.77 3.28 30.67
N GLU B 178 -12.76 2.60 31.24
CA GLU B 178 -12.78 2.33 32.67
C GLU B 178 -12.05 1.03 32.98
N ASN B 179 -11.51 0.95 34.20
CA ASN B 179 -10.68 -0.17 34.64
C ASN B 179 -9.42 -0.32 33.80
N PHE B 180 -8.89 0.79 33.32
CA PHE B 180 -7.61 0.83 32.58
C PHE B 180 -7.66 -0.03 31.31
N THR B 181 -8.85 -0.19 30.73
CA THR B 181 -8.97 -0.94 29.48
C THR B 181 -8.49 -0.10 28.31
N ILE B 182 -7.74 -0.73 27.41
CA ILE B 182 -7.12 -0.05 26.28
C ILE B 182 -7.74 -0.57 24.99
N LYS B 183 -8.04 0.35 24.08
CA LYS B 183 -8.50 0.01 22.74
C LYS B 183 -7.67 0.78 21.73
N ILE B 184 -7.06 0.05 20.80
CA ILE B 184 -6.29 0.67 19.73
C ILE B 184 -7.23 1.33 18.74
N ALA B 185 -6.88 2.52 18.28
CA ALA B 185 -7.65 3.25 17.28
C ALA B 185 -6.67 3.82 16.26
N ASP B 186 -7.18 4.70 15.41
CA ASP B 186 -6.35 5.39 14.41
C ASP B 186 -7.09 6.67 14.05
N PHE B 187 -6.65 7.79 14.62
CA PHE B 187 -7.30 9.07 14.42
C PHE B 187 -6.82 9.81 13.19
N GLY B 188 -5.89 9.22 12.42
CA GLY B 188 -5.33 9.94 11.31
C GLY B 188 -4.55 11.15 11.80
N MET B 189 -4.57 12.21 10.98
CA MET B 189 -3.97 13.49 11.35
C MET B 189 -5.02 14.57 11.52
N SER B 190 -6.14 14.21 12.17
CA SER B 190 -7.26 15.12 12.38
C SER B 190 -7.19 15.86 13.71
N ARG B 191 -6.03 15.86 14.36
CA ARG B 191 -5.84 16.53 15.64
C ARG B 191 -4.56 17.34 15.58
N ASN B 192 -4.68 18.65 15.82
CA ASN B 192 -3.50 19.51 15.84
C ASN B 192 -2.56 19.19 16.99
N LEU B 193 -3.04 18.41 17.97
CA LEU B 193 -2.26 18.16 19.18
C LEU B 193 -0.92 17.51 18.88
N TYR B 194 -0.88 16.59 17.93
CA TYR B 194 0.30 15.74 17.72
C TYR B 194 0.99 16.00 16.39
N ALA B 195 0.87 17.22 15.86
CA ALA B 195 1.48 17.54 14.58
C ALA B 195 2.98 17.31 14.60
N GLY B 196 3.63 17.57 15.73
CA GLY B 196 5.06 17.37 15.83
C GLY B 196 5.49 15.92 15.72
N ASP B 197 4.56 14.98 15.85
CA ASP B 197 4.88 13.57 15.71
C ASP B 197 4.84 13.08 14.27
N TYR B 198 4.61 13.96 13.31
CA TYR B 198 4.50 13.57 11.91
C TYR B 198 5.40 14.44 11.04
N TYR B 199 5.97 13.81 10.02
CA TYR B 199 6.89 14.42 9.08
C TYR B 199 6.30 14.33 7.68
N ARG B 200 6.21 15.47 7.00
CA ARG B 200 5.58 15.51 5.69
C ARG B 200 6.53 14.98 4.62
N VAL B 201 6.03 14.09 3.76
CA VAL B 201 6.85 13.46 2.73
C VAL B 201 6.37 13.79 1.32
N GLN B 202 5.06 13.87 1.11
CA GLN B 202 4.52 14.16 -0.22
C GLN B 202 3.10 14.69 -0.07
N GLY B 203 2.88 15.92 -0.54
CA GLY B 203 1.55 16.51 -0.43
C GLY B 203 1.06 16.49 1.00
N ARG B 204 -0.14 15.95 1.19
CA ARG B 204 -0.71 15.81 2.52
C ARG B 204 -0.24 14.56 3.25
N ALA B 205 0.59 13.74 2.62
CA ALA B 205 1.05 12.50 3.25
C ALA B 205 2.15 12.80 4.26
N VAL B 206 1.93 12.36 5.50
CA VAL B 206 2.89 12.56 6.58
C VAL B 206 3.17 11.22 7.23
N LEU B 207 4.36 11.09 7.82
CA LEU B 207 4.81 9.84 8.41
C LEU B 207 5.23 10.05 9.86
N PRO B 208 4.91 9.11 10.75
CA PRO B 208 5.36 9.17 12.16
C PRO B 208 6.75 8.55 12.34
N ILE B 209 7.77 9.28 11.86
CA ILE B 209 9.07 8.66 11.66
C ILE B 209 9.71 8.19 12.95
N ARG B 210 9.44 8.88 14.07
CA ARG B 210 10.04 8.49 15.34
C ARG B 210 9.53 7.14 15.84
N TRP B 211 8.37 6.69 15.36
CA TRP B 211 7.88 5.37 15.68
C TRP B 211 8.17 4.35 14.58
N MET B 212 8.71 4.80 13.44
CA MET B 212 8.85 3.96 12.26
C MET B 212 10.17 3.22 12.25
N ALA B 213 10.12 1.95 11.85
CA ALA B 213 11.32 1.18 11.62
C ALA B 213 12.18 1.82 10.53
N TRP B 214 13.47 1.51 10.55
CA TRP B 214 14.38 2.15 9.61
C TRP B 214 14.01 1.84 8.16
N GLU B 215 13.52 0.61 7.91
CA GLU B 215 13.13 0.26 6.55
C GLU B 215 11.88 1.03 6.12
N CYS B 216 11.03 1.44 7.07
CA CYS B 216 9.87 2.26 6.72
C CYS B 216 10.29 3.65 6.29
N ILE B 217 11.27 4.24 6.97
CA ILE B 217 11.68 5.59 6.64
C ILE B 217 12.41 5.62 5.31
N LEU B 218 13.23 4.61 5.04
CA LEU B 218 14.02 4.57 3.82
C LEU B 218 13.24 4.02 2.63
N MET B 219 12.65 2.83 2.78
CA MET B 219 12.02 2.15 1.65
C MET B 219 10.50 2.09 1.72
N GLY B 220 9.89 2.58 2.79
CA GLY B 220 8.44 2.54 2.89
C GLY B 220 7.86 1.15 3.04
N LYS B 221 8.61 0.23 3.65
CA LYS B 221 8.16 -1.15 3.83
C LYS B 221 7.44 -1.24 5.16
N PHE B 222 6.10 -1.21 5.12
CA PHE B 222 5.27 -1.32 6.31
C PHE B 222 4.77 -2.75 6.44
N THR B 223 5.18 -3.43 7.51
CA THR B 223 4.81 -4.80 7.80
C THR B 223 4.35 -4.89 9.25
N THR B 224 3.91 -6.09 9.65
CA THR B 224 3.68 -6.32 11.08
C THR B 224 4.96 -6.18 11.87
N ALA B 225 6.09 -6.56 11.28
CA ALA B 225 7.38 -6.42 11.97
C ALA B 225 7.73 -4.96 12.21
N SER B 226 7.29 -4.06 11.34
CA SER B 226 7.47 -2.63 11.60
C SER B 226 6.47 -2.13 12.64
N ASP B 227 5.27 -2.72 12.68
CA ASP B 227 4.35 -2.47 13.78
C ASP B 227 4.97 -2.88 15.10
N VAL B 228 5.82 -3.92 15.10
CA VAL B 228 6.51 -4.34 16.31
C VAL B 228 7.53 -3.29 16.72
N TRP B 229 8.24 -2.71 15.75
CA TRP B 229 9.14 -1.59 16.03
C TRP B 229 8.39 -0.45 16.69
N ALA B 230 7.23 -0.08 16.12
CA ALA B 230 6.42 0.97 16.72
C ALA B 230 5.96 0.58 18.12
N PHE B 231 5.67 -0.71 18.34
CA PHE B 231 5.30 -1.15 19.68
C PHE B 231 6.44 -0.90 20.67
N GLY B 232 7.68 -1.17 20.26
CA GLY B 232 8.81 -0.86 21.12
C GLY B 232 8.83 0.60 21.52
N VAL B 233 8.61 1.50 20.56
CA VAL B 233 8.56 2.93 20.86
C VAL B 233 7.34 3.25 21.71
N THR B 234 6.20 2.59 21.43
CA THR B 234 5.01 2.81 22.22
C THR B 234 5.20 2.33 23.65
N LEU B 235 5.88 1.18 23.82
CA LEU B 235 6.20 0.69 25.15
C LEU B 235 7.17 1.63 25.85
N TRP B 236 8.09 2.23 25.09
CA TRP B 236 8.97 3.25 25.63
C TRP B 236 8.15 4.43 26.15
N GLU B 237 7.16 4.88 25.37
CA GLU B 237 6.27 5.96 25.79
C GLU B 237 5.58 5.64 27.11
N VAL B 238 5.01 4.44 27.24
CA VAL B 238 4.26 4.09 28.43
C VAL B 238 5.16 4.12 29.66
N LEU B 239 6.36 3.56 29.54
CA LEU B 239 7.27 3.54 30.68
C LEU B 239 7.86 4.91 30.99
N MET B 240 7.86 5.82 30.01
CA MET B 240 8.18 7.22 30.23
C MET B 240 6.98 8.03 30.72
N LEU B 241 5.81 7.39 30.84
CA LEU B 241 4.56 8.08 31.18
C LEU B 241 4.31 9.26 30.23
N CYS B 242 4.73 9.09 28.97
CA CYS B 242 4.48 10.05 27.90
C CYS B 242 5.02 11.44 28.23
N ARG B 243 6.12 11.51 28.97
CA ARG B 243 6.71 12.80 29.33
C ARG B 243 7.63 13.35 28.25
N ALA B 244 8.02 12.54 27.26
CA ALA B 244 8.98 13.00 26.26
C ALA B 244 8.72 12.35 24.92
N GLN B 245 8.88 13.14 23.86
CA GLN B 245 8.82 12.60 22.52
C GLN B 245 10.07 11.76 22.24
N PRO B 246 9.93 10.63 21.55
CA PRO B 246 11.12 9.85 21.18
C PRO B 246 12.13 10.70 20.42
N PHE B 247 13.39 10.61 20.84
CA PHE B 247 14.48 11.39 20.25
C PHE B 247 14.15 12.88 20.24
N GLY B 248 13.58 13.36 21.36
CA GLY B 248 13.02 14.70 21.37
C GLY B 248 14.00 15.80 21.06
N GLN B 249 15.27 15.59 21.40
CA GLN B 249 16.31 16.59 21.12
C GLN B 249 16.98 16.36 19.77
N LEU B 250 16.47 15.45 18.96
CA LEU B 250 16.91 15.25 17.59
C LEU B 250 15.86 15.77 16.62
N THR B 251 16.32 16.38 15.53
CA THR B 251 15.41 16.86 14.49
C THR B 251 14.89 15.70 13.67
N ASP B 252 13.80 15.96 12.93
CA ASP B 252 13.28 14.96 12.01
C ASP B 252 14.36 14.46 11.05
N GLU B 253 15.17 15.38 10.54
CA GLU B 253 16.24 15.01 9.61
C GLU B 253 17.25 14.10 10.28
N GLN B 254 17.57 14.36 11.55
CA GLN B 254 18.51 13.49 12.27
C GLN B 254 17.90 12.11 12.49
N VAL B 255 16.59 12.04 12.74
CA VAL B 255 15.93 10.76 12.89
C VAL B 255 15.98 9.98 11.58
N ILE B 256 15.80 10.67 10.46
CA ILE B 256 15.90 10.02 9.15
C ILE B 256 17.32 9.57 8.88
N GLU B 257 18.30 10.44 9.16
CA GLU B 257 19.70 10.06 9.08
C GLU B 257 19.97 8.82 9.93
N ASN B 258 19.34 8.73 11.10
CA ASN B 258 19.54 7.58 11.97
C ASN B 258 19.00 6.31 11.34
N ALA B 259 17.90 6.42 10.59
CA ALA B 259 17.42 5.28 9.81
C ALA B 259 18.50 4.80 8.84
N GLY B 260 19.19 5.75 8.19
CA GLY B 260 20.26 5.37 7.29
C GLY B 260 21.39 4.65 7.98
N GLU B 261 21.67 5.01 9.24
CA GLU B 261 22.75 4.35 9.96
C GLU B 261 22.37 2.92 10.36
N PHE B 262 21.08 2.67 10.61
CA PHE B 262 20.63 1.29 10.76
C PHE B 262 20.92 0.50 9.49
N PHE B 263 20.68 1.11 8.32
CA PHE B 263 20.95 0.44 7.06
C PHE B 263 22.45 0.16 6.89
N ARG B 264 23.29 1.17 7.14
CA ARG B 264 24.73 0.99 6.98
C ARG B 264 25.26 -0.08 7.94
N ASP B 265 24.71 -0.14 9.16
CA ASP B 265 25.11 -1.09 10.20
C ASP B 265 26.60 -0.96 10.54
N GLN B 266 27.07 0.29 10.63
CA GLN B 266 28.45 0.59 11.00
C GLN B 266 28.59 0.94 12.48
N GLY B 267 27.58 0.66 13.30
CA GLY B 267 27.66 0.94 14.72
C GLY B 267 27.35 2.36 15.13
N ARG B 268 26.87 3.19 14.21
CA ARG B 268 26.57 4.58 14.52
C ARG B 268 25.09 4.85 14.72
N GLN B 269 24.25 3.83 14.60
CA GLN B 269 22.82 4.01 14.87
C GLN B 269 22.60 4.17 16.37
N VAL B 270 21.68 5.07 16.72
CA VAL B 270 21.37 5.33 18.13
C VAL B 270 19.99 4.78 18.45
N TYR B 271 19.79 4.46 19.73
CA TYR B 271 18.56 3.89 20.23
C TYR B 271 17.96 4.80 21.30
N LEU B 272 16.66 4.63 21.52
CA LEU B 272 16.02 5.30 22.65
C LEU B 272 16.61 4.77 23.95
N SER B 273 16.90 5.67 24.88
CA SER B 273 17.52 5.28 26.14
C SER B 273 16.52 4.56 27.03
N ARG B 274 17.05 3.86 28.02
CA ARG B 274 16.22 3.14 28.97
C ARG B 274 15.42 4.13 29.81
N PRO B 275 14.09 4.00 29.87
CA PRO B 275 13.31 4.92 30.68
C PRO B 275 13.70 4.82 32.14
N PRO B 276 13.59 5.92 32.89
CA PRO B 276 13.93 5.87 34.31
C PRO B 276 13.08 4.83 35.04
N ALA B 277 13.74 4.05 35.89
CA ALA B 277 13.11 2.99 36.68
C ALA B 277 12.56 1.85 35.82
N CYS B 278 13.02 1.73 34.57
CA CYS B 278 12.66 0.60 33.74
C CYS B 278 13.66 -0.53 33.94
N PRO B 279 13.22 -1.73 34.29
CA PRO B 279 14.17 -2.84 34.45
C PRO B 279 14.90 -3.11 33.14
N GLN B 280 16.15 -3.55 33.27
CA GLN B 280 16.96 -3.85 32.09
C GLN B 280 16.34 -4.95 31.23
N GLY B 281 15.60 -5.87 31.86
CA GLY B 281 14.92 -6.90 31.08
C GLY B 281 13.82 -6.34 30.20
N LEU B 282 13.06 -5.36 30.71
CA LEU B 282 12.06 -4.71 29.89
C LEU B 282 12.70 -3.91 28.77
N TYR B 283 13.80 -3.22 29.06
CA TYR B 283 14.52 -2.48 28.03
C TYR B 283 15.10 -3.41 26.98
N GLU B 284 15.57 -4.59 27.40
CA GLU B 284 16.06 -5.58 26.46
C GLU B 284 14.97 -6.01 25.49
N LEU B 285 13.71 -6.04 25.95
CA LEU B 285 12.59 -6.36 25.06
C LEU B 285 12.42 -5.28 24.00
N MET B 286 12.50 -4.00 24.40
CA MET B 286 12.41 -2.91 23.43
C MET B 286 13.51 -3.03 22.38
N LEU B 287 14.74 -3.34 22.82
CA LEU B 287 15.85 -3.46 21.88
C LEU B 287 15.59 -4.56 20.86
N ARG B 288 14.98 -5.67 21.30
N ARG B 288 15.00 -5.68 21.30
CA ARG B 288 14.65 -6.75 20.37
CA ARG B 288 14.64 -6.75 20.38
C ARG B 288 13.61 -6.31 19.34
C ARG B 288 13.65 -6.25 19.33
N CYS B 289 12.70 -5.40 19.73
CA CYS B 289 11.75 -4.84 18.79
C CYS B 289 12.42 -3.94 17.76
N TRP B 290 13.62 -3.44 18.06
CA TRP B 290 14.34 -2.53 17.19
C TRP B 290 15.50 -3.22 16.49
N SER B 291 15.45 -4.54 16.37
CA SER B 291 16.47 -5.28 15.62
C SER B 291 16.52 -4.80 14.18
N ARG B 292 17.72 -4.69 13.64
CA ARG B 292 17.88 -4.25 12.25
C ARG B 292 17.11 -5.17 11.30
N GLU B 293 17.17 -6.47 11.53
CA GLU B 293 16.49 -7.44 10.67
C GLU B 293 15.05 -7.60 11.15
N SER B 294 14.09 -7.30 10.25
CA SER B 294 12.68 -7.39 10.61
C SER B 294 12.31 -8.79 11.06
N GLU B 295 12.92 -9.81 10.45
CA GLU B 295 12.61 -11.19 10.82
C GLU B 295 13.12 -11.56 12.21
N GLN B 296 14.00 -10.76 12.80
CA GLN B 296 14.50 -11.02 14.15
C GLN B 296 13.68 -10.34 15.23
N ARG B 297 12.65 -9.58 14.87
CA ARG B 297 11.86 -8.87 15.86
C ARG B 297 10.75 -9.79 16.41
N PRO B 298 10.41 -9.67 17.70
CA PRO B 298 9.48 -10.61 18.30
C PRO B 298 8.08 -10.43 17.73
N PRO B 299 7.29 -11.50 17.67
CA PRO B 299 5.88 -11.37 17.30
C PRO B 299 5.05 -10.88 18.48
N PHE B 300 3.89 -10.32 18.15
CA PHE B 300 3.05 -9.69 19.17
C PHE B 300 2.54 -10.70 20.19
N SER B 301 2.37 -11.97 19.79
CA SER B 301 1.96 -12.99 20.76
C SER B 301 2.99 -13.15 21.86
N GLN B 302 4.28 -13.11 21.50
CA GLN B 302 5.33 -13.26 22.49
C GLN B 302 5.43 -12.02 23.36
N LEU B 303 5.33 -10.83 22.75
CA LEU B 303 5.34 -9.60 23.53
C LEU B 303 4.19 -9.55 24.52
N HIS B 304 3.03 -10.07 24.13
CA HIS B 304 1.88 -10.04 25.03
C HIS B 304 2.08 -10.95 26.23
N ARG B 305 2.58 -12.16 26.02
CA ARG B 305 2.74 -13.08 27.14
C ARG B 305 3.88 -12.66 28.07
N PHE B 306 4.93 -12.05 27.52
CA PHE B 306 5.98 -11.50 28.38
C PHE B 306 5.41 -10.40 29.28
N LEU B 307 4.72 -9.43 28.67
CA LEU B 307 4.24 -8.29 29.44
C LEU B 307 3.11 -8.67 30.39
N ALA B 308 2.32 -9.68 30.06
CA ALA B 308 1.22 -10.09 30.91
C ALA B 308 1.63 -11.10 31.98
N GLU B 309 2.73 -11.82 31.79
CA GLU B 309 3.13 -12.86 32.74
C GLU B 309 4.60 -12.76 33.09
N ASP B 310 5.47 -12.95 32.10
CA ASP B 310 6.91 -13.01 32.34
C ASP B 310 7.53 -11.62 32.45
#